data_7URL
#
_entry.id   7URL
#
_cell.length_a   41.725
_cell.length_b   76.120
_cell.length_c   160.628
_cell.angle_alpha   90.000
_cell.angle_beta   90.000
_cell.angle_gamma   90.000
#
_symmetry.space_group_name_H-M   'P 21 21 21'
#
loop_
_entity.id
_entity.type
_entity.pdbx_description
1 polymer 'anti-HIV scFv'
2 non-polymer 'SULFATE ION'
3 water water
#
_entity_poly.entity_id   1
_entity_poly.type   'polypeptide(L)'
_entity_poly.pdbx_seq_one_letter_code
;MAEVKLVESGGGLVKPGGSLKLSCAASGFTFSRFGMHWVRQTPEKRLEWVAYISSGSSTIYYADTVKGRFTISRDNAKNT
LYLQMSSLRSEDTAIYYCARSGGIERYDGTYYVMDYWGQGTTLTVSSGGGGSGGGGSGGGGSDIVLTQSPASLTVSLGQR
ATISCRASESVDYYGKSFMNWYQQKPGQPPKLLIYAASNQGSGIPARFSGSGSGTDFTLNIHPVEEEDAATYYCQQSKEV
PWTFGAGTKLEIKRAAAKGEFGGGGSGGGGSENLYFQ
;
_entity_poly.pdbx_strand_id   A,B
#
# COMPACT_ATOMS: atom_id res chain seq x y z
N GLU A 3 -14.54 -15.00 -24.32
CA GLU A 3 -13.13 -15.12 -24.01
C GLU A 3 -12.63 -14.01 -23.07
N VAL A 4 -11.70 -14.38 -22.19
CA VAL A 4 -11.20 -13.52 -21.14
C VAL A 4 -10.13 -12.57 -21.69
N LYS A 5 -10.17 -11.31 -21.26
CA LYS A 5 -9.24 -10.31 -21.78
C LYS A 5 -8.87 -9.30 -20.69
N LEU A 6 -7.59 -8.93 -20.67
CA LEU A 6 -7.03 -7.98 -19.71
C LEU A 6 -6.15 -6.98 -20.45
N VAL A 7 -6.42 -5.69 -20.27
CA VAL A 7 -5.72 -4.61 -20.99
C VAL A 7 -5.11 -3.65 -19.96
N GLU A 8 -3.78 -3.67 -19.82
CA GLU A 8 -3.04 -2.78 -18.91
C GLU A 8 -2.73 -1.44 -19.57
N SER A 9 -2.68 -0.37 -18.75
CA SER A 9 -2.35 0.96 -19.25
C SER A 9 -1.66 1.78 -18.15
N GLY A 10 -1.08 2.91 -18.56
CA GLY A 10 -0.52 3.86 -17.63
C GLY A 10 0.99 3.91 -17.53
N GLY A 11 1.72 3.05 -18.25
CA GLY A 11 3.16 3.08 -18.18
C GLY A 11 3.77 4.25 -18.94
N GLY A 12 5.06 4.46 -18.73
CA GLY A 12 5.79 5.48 -19.45
C GLY A 12 7.19 5.64 -18.88
N LEU A 13 7.84 6.73 -19.27
CA LEU A 13 9.17 7.07 -18.78
C LEU A 13 9.03 8.11 -17.68
N VAL A 14 9.69 7.86 -16.54
CA VAL A 14 9.53 8.70 -15.34
C VAL A 14 10.87 8.87 -14.64
N LYS A 15 10.95 9.95 -13.72
CA LYS A 15 12.18 10.31 -13.04
C LYS A 15 12.27 9.59 -11.70
N PRO A 16 13.48 9.32 -11.25
CA PRO A 16 13.66 8.67 -9.95
C PRO A 16 13.04 9.50 -8.83
N GLY A 17 12.45 8.81 -7.86
CA GLY A 17 11.79 9.45 -6.75
C GLY A 17 10.33 9.78 -6.96
N GLY A 18 9.82 9.72 -8.19
CA GLY A 18 8.44 10.05 -8.49
C GLY A 18 7.48 8.91 -8.21
N SER A 19 6.22 9.14 -8.60
CA SER A 19 5.12 8.20 -8.35
C SER A 19 4.26 8.04 -9.61
N LEU A 20 3.46 6.98 -9.63
CA LEU A 20 2.67 6.61 -10.81
C LEU A 20 1.54 5.67 -10.41
N LYS A 21 0.49 5.61 -11.24
CA LYS A 21 -0.59 4.65 -11.07
C LYS A 21 -0.82 3.89 -12.36
N LEU A 22 -0.79 2.56 -12.30
CA LEU A 22 -1.15 1.68 -13.41
C LEU A 22 -2.59 1.18 -13.26
N SER A 23 -3.23 0.87 -14.41
CA SER A 23 -4.61 0.41 -14.43
C SER A 23 -4.71 -0.84 -15.33
N CYS A 24 -5.72 -1.69 -15.07
CA CYS A 24 -6.01 -2.82 -15.94
C CYS A 24 -7.52 -3.01 -16.08
N ALA A 25 -8.02 -3.02 -17.32
CA ALA A 25 -9.44 -3.22 -17.61
C ALA A 25 -9.71 -4.69 -17.96
N ALA A 26 -10.65 -5.30 -17.25
CA ALA A 26 -10.98 -6.71 -17.42
C ALA A 26 -12.31 -6.86 -18.14
N SER A 27 -12.43 -7.93 -18.95
CA SER A 27 -13.68 -8.22 -19.65
C SER A 27 -13.73 -9.69 -20.02
N GLY A 28 -14.95 -10.19 -20.28
CA GLY A 28 -15.14 -11.57 -20.69
C GLY A 28 -15.34 -12.57 -19.57
N PHE A 29 -15.36 -12.13 -18.31
CA PHE A 29 -15.57 -13.01 -17.17
C PHE A 29 -16.08 -12.15 -16.00
N THR A 30 -16.57 -12.82 -14.97
CA THR A 30 -17.12 -12.09 -13.81
C THR A 30 -15.98 -11.69 -12.87
N PHE A 31 -15.41 -10.52 -13.14
CA PHE A 31 -14.20 -10.03 -12.47
C PHE A 31 -14.32 -10.08 -10.94
N SER A 32 -15.51 -9.80 -10.39
CA SER A 32 -15.67 -9.69 -8.95
C SER A 32 -15.53 -11.01 -8.21
N ARG A 33 -15.47 -12.14 -8.89
CA ARG A 33 -15.35 -13.42 -8.21
C ARG A 33 -13.92 -13.95 -8.10
N PHE A 34 -12.93 -13.28 -8.69
CA PHE A 34 -11.57 -13.81 -8.82
C PHE A 34 -10.52 -12.95 -8.11
N GLY A 35 -9.57 -13.61 -7.45
CA GLY A 35 -8.34 -12.93 -7.08
C GLY A 35 -7.49 -12.59 -8.30
N MET A 36 -6.63 -11.59 -8.14
CA MET A 36 -5.77 -11.00 -9.18
C MET A 36 -4.36 -10.69 -8.71
N HIS A 37 -3.40 -10.81 -9.65
CA HIS A 37 -1.98 -10.59 -9.40
C HIS A 37 -1.42 -9.51 -10.34
N TRP A 38 -0.34 -8.83 -9.91
CA TRP A 38 0.59 -8.15 -10.80
C TRP A 38 1.93 -8.89 -10.79
N VAL A 39 2.52 -9.11 -11.99
CA VAL A 39 3.84 -9.73 -12.19
C VAL A 39 4.64 -8.85 -13.14
N ARG A 40 5.94 -8.62 -12.88
CA ARG A 40 6.77 -7.82 -13.78
C ARG A 40 7.89 -8.62 -14.44
N GLN A 41 8.41 -8.11 -15.57
CA GLN A 41 9.50 -8.75 -16.31
C GLN A 41 10.57 -7.73 -16.66
N THR A 42 11.80 -7.98 -16.20
CA THR A 42 12.91 -7.03 -16.35
C THR A 42 13.43 -7.02 -17.79
N PRO A 43 14.22 -6.01 -18.16
CA PRO A 43 14.79 -6.01 -19.52
C PRO A 43 15.66 -7.22 -19.83
N GLU A 44 16.16 -7.94 -18.80
CA GLU A 44 16.91 -9.17 -18.98
C GLU A 44 16.02 -10.41 -19.00
N LYS A 45 14.70 -10.22 -18.93
CA LYS A 45 13.66 -11.25 -19.11
C LYS A 45 13.41 -12.09 -17.87
N ARG A 46 13.85 -11.64 -16.70
CA ARG A 46 13.50 -12.30 -15.44
C ARG A 46 12.08 -11.95 -15.03
N LEU A 47 11.30 -12.96 -14.65
CA LEU A 47 9.94 -12.76 -14.16
C LEU A 47 9.96 -12.66 -12.64
N GLU A 48 9.24 -11.66 -12.10
CA GLU A 48 9.18 -11.42 -10.65
C GLU A 48 7.73 -11.09 -10.24
N TRP A 49 7.16 -11.91 -9.36
CA TRP A 49 5.85 -11.63 -8.79
C TRP A 49 5.90 -10.38 -7.90
N VAL A 50 4.85 -9.53 -7.97
CA VAL A 50 4.81 -8.22 -7.30
C VAL A 50 3.75 -8.16 -6.18
N ALA A 51 2.48 -8.48 -6.48
CA ALA A 51 1.41 -8.32 -5.49
C ALA A 51 0.17 -9.13 -5.88
N TYR A 52 -0.64 -9.47 -4.85
CA TYR A 52 -1.91 -10.20 -4.98
C TYR A 52 -3.01 -9.53 -4.16
N ILE A 53 -4.24 -9.54 -4.69
CA ILE A 53 -5.43 -9.05 -3.98
C ILE A 53 -6.61 -10.00 -4.17
N SER A 54 -7.28 -10.35 -3.07
CA SER A 54 -8.42 -11.25 -3.10
C SER A 54 -9.67 -10.54 -3.67
N SER A 55 -10.71 -11.34 -3.94
CA SER A 55 -11.90 -10.80 -4.61
C SER A 55 -12.55 -9.66 -3.82
N GLY A 56 -12.58 -9.76 -2.50
CA GLY A 56 -13.15 -8.74 -1.64
C GLY A 56 -12.18 -7.74 -1.03
N SER A 57 -10.93 -7.69 -1.49
CA SER A 57 -9.91 -6.75 -1.01
C SER A 57 -9.55 -6.98 0.46
N SER A 58 -9.83 -8.17 0.99
CA SER A 58 -9.59 -8.50 2.39
C SER A 58 -8.27 -9.20 2.66
N THR A 59 -7.69 -9.92 1.68
CA THR A 59 -6.39 -10.56 1.82
C THR A 59 -5.47 -9.97 0.76
N ILE A 60 -4.32 -9.44 1.18
CA ILE A 60 -3.38 -8.77 0.28
C ILE A 60 -1.95 -9.22 0.61
N TYR A 61 -1.14 -9.50 -0.44
CA TYR A 61 0.28 -9.85 -0.26
C TYR A 61 1.16 -9.03 -1.20
N TYR A 62 2.39 -8.74 -0.74
CA TYR A 62 3.40 -7.97 -1.48
C TYR A 62 4.74 -8.68 -1.46
N ALA A 63 5.51 -8.52 -2.55
CA ALA A 63 6.92 -8.93 -2.51
C ALA A 63 7.76 -8.03 -1.59
N ASP A 64 8.78 -8.62 -0.97
CA ASP A 64 9.59 -7.87 0.01
C ASP A 64 10.23 -6.62 -0.60
N THR A 65 10.69 -6.70 -1.86
CA THR A 65 11.36 -5.56 -2.50
C THR A 65 10.44 -4.39 -2.80
N VAL A 66 9.11 -4.54 -2.71
CA VAL A 66 8.20 -3.44 -2.97
C VAL A 66 7.40 -3.02 -1.74
N LYS A 67 7.55 -3.72 -0.61
CA LYS A 67 6.76 -3.40 0.58
C LYS A 67 6.98 -1.96 1.04
N GLY A 68 5.87 -1.27 1.30
CA GLY A 68 5.89 0.10 1.78
C GLY A 68 5.87 1.14 0.68
N ARG A 69 6.21 0.76 -0.54
CA ARG A 69 6.25 1.68 -1.68
C ARG A 69 5.11 1.48 -2.67
N PHE A 70 4.55 0.27 -2.78
CA PHE A 70 3.48 -0.06 -3.72
C PHE A 70 2.17 -0.36 -2.99
N THR A 71 1.03 -0.04 -3.63
N THR A 71 1.06 -0.04 -3.63
CA THR A 71 -0.32 -0.25 -3.08
CA THR A 71 -0.23 -0.44 -3.08
C THR A 71 -1.24 -0.84 -4.15
C THR A 71 -1.10 -0.95 -4.21
N ILE A 72 -1.77 -2.06 -3.94
CA ILE A 72 -2.68 -2.72 -4.90
C ILE A 72 -4.12 -2.47 -4.45
N SER A 73 -5.03 -2.25 -5.41
CA SER A 73 -6.45 -2.04 -5.12
C SER A 73 -7.28 -2.42 -6.34
N ARG A 74 -8.60 -2.43 -6.17
CA ARG A 74 -9.52 -2.83 -7.22
C ARG A 74 -10.87 -2.13 -7.08
N ASP A 75 -11.58 -1.99 -8.20
CA ASP A 75 -12.92 -1.40 -8.24
C ASP A 75 -13.82 -2.40 -8.98
N ASN A 76 -14.57 -3.20 -8.20
CA ASN A 76 -15.36 -4.27 -8.79
C ASN A 76 -16.50 -3.75 -9.66
N ALA A 77 -17.04 -2.57 -9.35
CA ALA A 77 -18.13 -2.05 -10.18
C ALA A 77 -17.65 -1.62 -11.56
N LYS A 78 -16.42 -1.15 -11.69
CA LYS A 78 -15.86 -0.73 -12.98
C LYS A 78 -14.99 -1.80 -13.62
N ASN A 79 -14.89 -2.99 -13.03
CA ASN A 79 -14.06 -4.09 -13.56
C ASN A 79 -12.61 -3.67 -13.82
N THR A 80 -12.01 -3.00 -12.83
CA THR A 80 -10.65 -2.47 -12.99
C THR A 80 -9.77 -2.85 -11.81
N LEU A 81 -8.48 -3.16 -12.09
CA LEU A 81 -7.44 -3.39 -11.09
C LEU A 81 -6.41 -2.27 -11.16
N TYR A 82 -5.81 -1.88 -10.01
CA TYR A 82 -4.83 -0.79 -9.95
C TYR A 82 -3.53 -1.21 -9.26
N LEU A 83 -2.42 -0.55 -9.65
CA LEU A 83 -1.16 -0.61 -8.90
C LEU A 83 -0.56 0.80 -8.79
N GLN A 84 -0.49 1.35 -7.57
CA GLN A 84 0.15 2.64 -7.33
C GLN A 84 1.57 2.43 -6.81
N MET A 85 2.53 3.23 -7.32
CA MET A 85 3.95 3.08 -6.98
C MET A 85 4.57 4.42 -6.62
N SER A 86 5.35 4.45 -5.53
CA SER A 86 6.03 5.66 -5.09
C SER A 86 7.53 5.39 -4.89
N SER A 87 8.30 6.47 -4.76
CA SER A 87 9.76 6.40 -4.57
C SER A 87 10.42 5.49 -5.60
N LEU A 88 10.08 5.71 -6.88
CA LEU A 88 10.51 4.81 -7.94
C LEU A 88 12.04 4.86 -8.13
N ARG A 89 12.62 3.70 -8.41
CA ARG A 89 14.06 3.55 -8.60
C ARG A 89 14.35 2.66 -9.81
N SER A 90 15.65 2.48 -10.09
CA SER A 90 16.08 1.75 -11.30
C SER A 90 15.58 0.32 -11.32
N GLU A 91 15.57 -0.37 -10.17
CA GLU A 91 15.12 -1.75 -10.14
C GLU A 91 13.67 -1.93 -10.56
N ASP A 92 12.88 -0.84 -10.62
CA ASP A 92 11.48 -0.91 -10.99
C ASP A 92 11.23 -0.88 -12.51
N THR A 93 12.24 -0.60 -13.33
CA THR A 93 12.08 -0.63 -14.79
C THR A 93 11.73 -2.04 -15.25
N ALA A 94 10.59 -2.19 -15.95
CA ALA A 94 10.07 -3.50 -16.31
C ALA A 94 8.77 -3.35 -17.12
N ILE A 95 8.35 -4.44 -17.77
CA ILE A 95 6.99 -4.55 -18.28
CA ILE A 95 6.99 -4.59 -18.30
C ILE A 95 6.12 -5.16 -17.18
N TYR A 96 4.98 -4.52 -16.91
CA TYR A 96 4.07 -4.92 -15.82
C TYR A 96 2.84 -5.63 -16.42
N TYR A 97 2.57 -6.86 -15.97
CA TYR A 97 1.44 -7.68 -16.44
C TYR A 97 0.41 -7.89 -15.33
N CYS A 98 -0.87 -7.90 -15.70
N CYS A 98 -0.87 -7.96 -15.71
N CYS A 98 -0.90 -7.94 -15.71
CA CYS A 98 -1.88 -8.43 -14.82
CA CYS A 98 -1.93 -8.38 -14.80
CA CYS A 98 -2.02 -8.31 -14.83
C CYS A 98 -2.12 -9.89 -15.17
C CYS A 98 -2.33 -9.80 -15.16
C CYS A 98 -2.46 -9.75 -15.16
N ALA A 99 -2.45 -10.66 -14.15
CA ALA A 99 -2.81 -12.07 -14.34
C ALA A 99 -3.92 -12.49 -13.38
N ARG A 100 -4.86 -13.31 -13.86
CA ARG A 100 -5.99 -13.78 -13.06
C ARG A 100 -5.60 -15.06 -12.29
N SER A 101 -6.11 -15.17 -11.07
CA SER A 101 -5.98 -16.40 -10.28
C SER A 101 -7.22 -17.26 -10.55
N GLY A 102 -7.06 -18.30 -11.36
CA GLY A 102 -8.18 -19.13 -11.79
C GLY A 102 -8.08 -20.54 -11.21
N GLY A 103 -9.20 -21.04 -10.70
CA GLY A 103 -9.25 -22.36 -10.10
C GLY A 103 -9.66 -23.48 -11.03
N ILE A 104 -8.87 -24.55 -11.04
CA ILE A 104 -9.19 -25.75 -11.80
C ILE A 104 -9.81 -26.74 -10.81
N GLU A 105 -11.08 -27.08 -11.01
CA GLU A 105 -11.76 -27.95 -10.05
C GLU A 105 -11.40 -29.39 -10.36
N ARG A 106 -11.03 -30.14 -9.33
CA ARG A 106 -10.64 -31.53 -9.47
C ARG A 106 -11.21 -32.32 -8.31
N TYR A 107 -11.12 -33.65 -8.43
CA TYR A 107 -11.71 -34.56 -7.46
C TYR A 107 -11.08 -34.44 -6.07
N ASP A 108 -9.89 -33.86 -5.97
CA ASP A 108 -9.16 -33.78 -4.71
C ASP A 108 -8.97 -32.34 -4.25
N GLY A 109 -9.63 -31.37 -4.87
CA GLY A 109 -9.43 -29.99 -4.48
C GLY A 109 -9.44 -29.07 -5.68
N THR A 110 -9.49 -27.77 -5.44
CA THR A 110 -9.41 -26.78 -6.51
C THR A 110 -7.98 -26.24 -6.49
N TYR A 111 -7.33 -26.21 -7.66
CA TYR A 111 -5.94 -25.81 -7.80
C TYR A 111 -5.91 -24.45 -8.50
N TYR A 112 -5.33 -23.45 -7.83
CA TYR A 112 -5.31 -22.07 -8.33
C TYR A 112 -3.99 -21.76 -9.02
N VAL A 113 -4.07 -21.16 -10.21
CA VAL A 113 -2.92 -20.91 -11.06
C VAL A 113 -3.13 -19.60 -11.82
N MET A 114 -2.02 -18.94 -12.19
CA MET A 114 -2.11 -17.75 -13.05
C MET A 114 -2.41 -18.18 -14.48
N ASP A 115 -3.68 -18.08 -14.88
CA ASP A 115 -4.14 -18.69 -16.13
C ASP A 115 -4.16 -17.74 -17.33
N TYR A 116 -4.82 -16.59 -17.23
CA TYR A 116 -4.88 -15.60 -18.30
C TYR A 116 -4.06 -14.36 -17.92
N TRP A 117 -3.27 -13.83 -18.88
CA TRP A 117 -2.43 -12.65 -18.67
C TRP A 117 -2.72 -11.60 -19.75
N GLY A 118 -2.55 -10.31 -19.39
CA GLY A 118 -2.67 -9.25 -20.38
C GLY A 118 -1.42 -9.06 -21.22
N GLN A 119 -1.47 -8.08 -22.13
CA GLN A 119 -0.33 -7.79 -23.01
C GLN A 119 0.78 -6.99 -22.35
N GLY A 120 0.49 -6.30 -21.25
CA GLY A 120 1.49 -5.59 -20.47
C GLY A 120 1.58 -4.11 -20.80
N THR A 121 2.18 -3.35 -19.87
CA THR A 121 2.47 -1.94 -20.02
C THR A 121 3.87 -1.65 -19.47
N THR A 122 4.65 -0.86 -20.21
CA THR A 122 6.08 -0.71 -19.93
C THR A 122 6.37 0.52 -19.09
N LEU A 123 7.22 0.35 -18.06
CA LEU A 123 7.71 1.42 -17.20
C LEU A 123 9.23 1.52 -17.30
N THR A 124 9.74 2.73 -17.54
CA THR A 124 11.17 3.00 -17.59
C THR A 124 11.49 4.16 -16.64
N VAL A 125 12.44 3.95 -15.74
CA VAL A 125 12.88 4.97 -14.80
C VAL A 125 14.21 5.55 -15.30
N SER A 126 14.27 6.87 -15.46
CA SER A 126 15.35 7.55 -16.15
C SER A 126 16.57 7.71 -15.24
N SER A 127 17.54 8.53 -15.70
CA SER A 127 18.84 8.65 -15.06
C SER A 127 18.70 9.16 -13.62
N GLY A 128 19.48 8.58 -12.73
CA GLY A 128 19.56 9.04 -11.35
C GLY A 128 19.00 8.07 -10.33
N SER A 142 14.08 -16.68 3.16
CA SER A 142 13.59 -18.06 3.16
C SER A 142 12.64 -18.36 2.00
N ASP A 143 12.72 -17.55 0.94
CA ASP A 143 11.95 -17.82 -0.26
C ASP A 143 12.40 -19.15 -0.86
N ILE A 144 11.51 -19.78 -1.64
CA ILE A 144 11.89 -20.99 -2.36
C ILE A 144 12.58 -20.59 -3.66
N VAL A 145 13.86 -20.96 -3.81
CA VAL A 145 14.63 -20.59 -4.99
C VAL A 145 14.60 -21.76 -5.99
N LEU A 146 14.27 -21.48 -7.26
CA LEU A 146 14.23 -22.48 -8.33
C LEU A 146 15.47 -22.32 -9.22
N THR A 147 16.27 -23.40 -9.35
CA THR A 147 17.50 -23.40 -10.18
C THR A 147 17.22 -24.22 -11.46
N GLN A 148 17.08 -23.50 -12.58
CA GLN A 148 16.67 -24.08 -13.87
C GLN A 148 17.86 -24.14 -14.84
N SER A 149 17.90 -25.18 -15.69
CA SER A 149 19.00 -25.44 -16.64
C SER A 149 18.46 -26.22 -17.84
N PRO A 150 19.03 -26.03 -19.06
CA PRO A 150 20.16 -25.17 -19.45
C PRO A 150 19.68 -23.73 -19.72
N ALA A 151 20.65 -22.81 -19.94
CA ALA A 151 20.30 -21.43 -20.28
C ALA A 151 19.72 -21.35 -21.70
N SER A 152 20.27 -22.12 -22.62
CA SER A 152 19.69 -22.21 -23.96
C SER A 152 20.09 -23.53 -24.60
N LEU A 153 19.33 -23.91 -25.63
CA LEU A 153 19.62 -25.13 -26.39
C LEU A 153 19.01 -25.02 -27.78
N THR A 154 19.59 -25.81 -28.70
CA THR A 154 19.15 -25.93 -30.09
C THR A 154 18.87 -27.39 -30.40
N VAL A 155 17.68 -27.70 -30.93
CA VAL A 155 17.20 -29.05 -31.18
C VAL A 155 16.74 -29.21 -32.63
N SER A 156 17.05 -30.34 -33.24
CA SER A 156 16.61 -30.60 -34.60
C SER A 156 15.12 -30.91 -34.63
N LEU A 157 14.46 -30.56 -35.75
CA LEU A 157 13.04 -30.84 -35.90
C LEU A 157 12.72 -32.31 -35.66
N GLY A 158 11.74 -32.55 -34.79
CA GLY A 158 11.33 -33.90 -34.48
C GLY A 158 12.06 -34.57 -33.32
N GLN A 159 13.08 -33.92 -32.75
CA GLN A 159 13.91 -34.50 -31.69
C GLN A 159 13.44 -33.99 -30.33
N ARG A 160 14.21 -34.27 -29.27
CA ARG A 160 13.75 -34.08 -27.88
C ARG A 160 14.42 -32.88 -27.21
N ALA A 161 13.62 -32.00 -26.58
CA ALA A 161 14.15 -30.97 -25.70
C ALA A 161 13.89 -31.36 -24.24
N THR A 162 14.92 -31.23 -23.38
CA THR A 162 14.79 -31.56 -21.96
C THR A 162 15.31 -30.43 -21.07
N ILE A 163 14.47 -29.98 -20.11
CA ILE A 163 14.78 -28.86 -19.22
C ILE A 163 14.60 -29.32 -17.78
N SER A 164 15.52 -28.91 -16.89
CA SER A 164 15.47 -29.37 -15.50
C SER A 164 15.32 -28.20 -14.52
N CYS A 165 14.70 -28.51 -13.36
CA CYS A 165 14.50 -27.62 -12.21
C CYS A 165 14.83 -28.32 -10.89
N ARG A 166 15.67 -27.68 -10.04
CA ARG A 166 15.84 -28.08 -8.65
C ARG A 166 15.39 -26.96 -7.72
N ALA A 167 14.45 -27.27 -6.81
CA ALA A 167 13.97 -26.32 -5.79
C ALA A 167 14.77 -26.42 -4.50
N SER A 168 14.89 -25.29 -3.79
CA SER A 168 15.70 -25.28 -2.56
C SER A 168 15.01 -26.00 -1.40
N GLU A 169 13.71 -26.22 -1.49
N GLU A 169 13.71 -26.22 -1.49
CA GLU A 169 12.99 -27.03 -0.53
CA GLU A 169 12.98 -27.03 -0.52
C GLU A 169 11.82 -27.69 -1.25
C GLU A 169 11.80 -27.67 -1.25
N SER A 170 11.19 -28.66 -0.60
CA SER A 170 10.14 -29.43 -1.28
C SER A 170 8.92 -28.57 -1.63
N VAL A 171 8.36 -28.79 -2.82
CA VAL A 171 7.12 -28.13 -3.21
C VAL A 171 5.92 -29.10 -3.14
N ASP A 172 6.08 -30.22 -2.44
CA ASP A 172 5.00 -31.17 -2.25
C ASP A 172 4.17 -30.77 -1.03
N TYR A 173 2.85 -30.99 -1.14
CA TYR A 173 1.94 -30.69 -0.04
C TYR A 173 0.95 -31.84 -0.03
N TYR A 174 1.21 -32.84 0.82
CA TYR A 174 0.42 -34.07 0.93
C TYR A 174 0.19 -34.75 -0.43
N GLY A 175 1.29 -35.13 -1.06
CA GLY A 175 1.23 -35.97 -2.25
C GLY A 175 1.00 -35.26 -3.56
N LYS A 176 0.71 -33.96 -3.55
CA LYS A 176 0.65 -33.15 -4.76
C LYS A 176 1.83 -32.19 -4.79
N SER A 177 2.41 -31.98 -5.98
CA SER A 177 3.53 -31.06 -6.18
C SER A 177 3.03 -29.79 -6.85
N PHE A 178 3.35 -28.63 -6.26
CA PHE A 178 2.85 -27.35 -6.77
C PHE A 178 3.89 -26.70 -7.71
N MET A 179 4.22 -27.43 -8.79
CA MET A 179 5.17 -26.95 -9.80
C MET A 179 4.43 -26.76 -11.13
N ASN A 180 4.61 -25.59 -11.75
CA ASN A 180 3.93 -25.22 -13.00
C ASN A 180 4.96 -24.85 -14.07
N TRP A 181 4.60 -25.00 -15.37
CA TRP A 181 5.49 -24.62 -16.47
C TRP A 181 4.79 -23.67 -17.45
N TYR A 182 5.53 -22.64 -17.90
CA TYR A 182 5.02 -21.60 -18.81
C TYR A 182 5.88 -21.50 -20.08
N GLN A 183 5.24 -21.09 -21.18
CA GLN A 183 5.88 -20.83 -22.47
C GLN A 183 5.68 -19.36 -22.87
N GLN A 184 6.74 -18.69 -23.34
CA GLN A 184 6.61 -17.29 -23.76
C GLN A 184 7.28 -17.04 -25.11
N LYS A 185 6.49 -16.52 -26.09
CA LYS A 185 6.95 -16.12 -27.42
C LYS A 185 7.11 -14.61 -27.50
N PRO A 186 8.03 -14.12 -28.35
CA PRO A 186 8.32 -12.68 -28.36
C PRO A 186 7.07 -11.85 -28.65
N GLY A 187 6.85 -10.83 -27.84
CA GLY A 187 5.71 -9.95 -28.01
C GLY A 187 4.45 -10.38 -27.30
N GLN A 188 4.47 -11.51 -26.61
CA GLN A 188 3.33 -12.10 -25.93
C GLN A 188 3.66 -12.34 -24.46
N PRO A 189 2.63 -12.44 -23.61
CA PRO A 189 2.84 -12.83 -22.22
C PRO A 189 3.05 -14.32 -22.08
N PRO A 190 3.49 -14.78 -20.92
CA PRO A 190 3.59 -16.24 -20.67
C PRO A 190 2.24 -16.94 -20.77
N LYS A 191 2.29 -18.22 -21.21
CA LYS A 191 1.12 -19.09 -21.37
C LYS A 191 1.31 -20.38 -20.57
N LEU A 192 0.31 -20.75 -19.76
CA LEU A 192 0.41 -21.96 -18.93
C LEU A 192 0.39 -23.23 -19.79
N LEU A 193 1.37 -24.12 -19.58
CA LEU A 193 1.47 -25.41 -20.29
C LEU A 193 1.11 -26.60 -19.41
N ILE A 194 1.71 -26.68 -18.22
CA ILE A 194 1.60 -27.82 -17.30
C ILE A 194 1.33 -27.28 -15.90
N TYR A 195 0.43 -27.93 -15.14
CA TYR A 195 0.20 -27.60 -13.73
C TYR A 195 0.30 -28.83 -12.82
N ALA A 196 0.57 -28.60 -11.53
CA ALA A 196 0.69 -29.69 -10.55
C ALA A 196 1.67 -30.78 -11.00
N ALA A 197 2.84 -30.34 -11.51
CA ALA A 197 3.96 -31.17 -11.96
C ALA A 197 3.74 -31.91 -13.29
N SER A 198 2.57 -32.55 -13.47
CA SER A 198 2.40 -33.48 -14.58
C SER A 198 1.03 -33.41 -15.26
N ASN A 199 0.20 -32.43 -14.93
CA ASN A 199 -1.15 -32.36 -15.46
C ASN A 199 -1.15 -31.43 -16.69
N GLN A 200 -1.72 -31.93 -17.77
CA GLN A 200 -1.82 -31.19 -19.04
C GLN A 200 -2.85 -30.06 -18.94
N GLY A 201 -2.45 -28.86 -19.34
CA GLY A 201 -3.41 -27.78 -19.47
C GLY A 201 -4.43 -28.06 -20.56
N SER A 202 -5.51 -27.30 -20.54
CA SER A 202 -6.60 -27.53 -21.49
C SER A 202 -6.15 -27.19 -22.91
N GLY A 203 -6.29 -28.15 -23.83
CA GLY A 203 -5.86 -27.95 -25.20
C GLY A 203 -4.36 -28.00 -25.45
N ILE A 204 -3.54 -28.29 -24.44
CA ILE A 204 -2.09 -28.32 -24.63
C ILE A 204 -1.68 -29.67 -25.22
N PRO A 205 -0.99 -29.69 -26.36
CA PRO A 205 -0.66 -30.98 -27.02
C PRO A 205 0.22 -31.92 -26.18
N ALA A 206 0.05 -33.22 -26.45
CA ALA A 206 0.70 -34.26 -25.66
C ALA A 206 2.22 -34.25 -25.77
N ARG A 207 2.78 -33.59 -26.79
CA ARG A 207 4.24 -33.56 -26.92
C ARG A 207 4.91 -32.79 -25.80
N PHE A 208 4.17 -31.97 -25.03
CA PHE A 208 4.69 -31.33 -23.84
C PHE A 208 4.36 -32.23 -22.65
N SER A 209 5.37 -32.63 -21.87
CA SER A 209 5.05 -33.41 -20.69
C SER A 209 5.96 -33.04 -19.52
N GLY A 210 5.39 -33.06 -18.32
CA GLY A 210 6.17 -32.73 -17.14
C GLY A 210 6.19 -33.88 -16.16
N SER A 211 7.21 -33.95 -15.32
CA SER A 211 7.36 -35.05 -14.36
C SER A 211 8.20 -34.57 -13.19
N GLY A 212 8.23 -35.36 -12.14
CA GLY A 212 9.06 -35.09 -10.98
C GLY A 212 8.24 -35.00 -9.71
N SER A 213 8.96 -34.84 -8.59
CA SER A 213 8.32 -34.66 -7.29
C SER A 213 9.36 -34.17 -6.28
N GLY A 214 8.87 -33.69 -5.15
CA GLY A 214 9.75 -33.24 -4.09
C GLY A 214 10.50 -31.97 -4.46
N THR A 215 11.81 -32.10 -4.75
CA THR A 215 12.64 -30.97 -5.16
C THR A 215 13.10 -31.00 -6.62
N ASP A 216 12.85 -32.08 -7.37
CA ASP A 216 13.43 -32.25 -8.70
C ASP A 216 12.35 -32.48 -9.76
N PHE A 217 12.38 -31.67 -10.83
CA PHE A 217 11.32 -31.65 -11.86
C PHE A 217 11.95 -31.50 -13.25
N THR A 218 11.21 -31.96 -14.28
CA THR A 218 11.67 -31.91 -15.67
CA THR A 218 11.67 -31.92 -15.66
C THR A 218 10.52 -31.58 -16.61
N LEU A 219 10.81 -30.79 -17.65
CA LEU A 219 9.90 -30.61 -18.79
C LEU A 219 10.53 -31.25 -20.02
N ASN A 220 9.78 -32.13 -20.70
CA ASN A 220 10.23 -32.76 -21.94
C ASN A 220 9.34 -32.33 -23.09
N ILE A 221 9.94 -31.93 -24.22
CA ILE A 221 9.20 -31.65 -25.46
C ILE A 221 9.66 -32.61 -26.54
N HIS A 222 8.75 -33.48 -27.03
CA HIS A 222 9.10 -34.46 -28.05
C HIS A 222 7.86 -35.04 -28.71
N PRO A 223 7.77 -35.07 -30.05
CA PRO A 223 8.72 -34.51 -31.03
C PRO A 223 8.58 -32.99 -31.15
N VAL A 224 9.69 -32.26 -31.23
N VAL A 224 9.69 -32.24 -31.15
CA VAL A 224 9.65 -30.80 -31.28
CA VAL A 224 9.57 -30.79 -31.25
C VAL A 224 9.20 -30.34 -32.67
C VAL A 224 9.09 -30.40 -32.64
N GLU A 225 8.36 -29.28 -32.71
CA GLU A 225 7.85 -28.70 -33.94
C GLU A 225 8.40 -27.29 -34.12
N GLU A 226 8.28 -26.78 -35.36
CA GLU A 226 8.82 -25.47 -35.70
C GLU A 226 8.29 -24.37 -34.78
N GLU A 227 7.00 -24.43 -34.43
CA GLU A 227 6.39 -23.37 -33.62
C GLU A 227 6.77 -23.41 -32.15
N ASP A 228 7.60 -24.37 -31.71
CA ASP A 228 7.95 -24.49 -30.31
C ASP A 228 9.16 -23.63 -29.89
N ALA A 229 9.80 -22.94 -30.84
CA ALA A 229 10.82 -21.95 -30.47
C ALA A 229 10.21 -20.87 -29.58
N ALA A 230 10.79 -20.68 -28.38
CA ALA A 230 10.23 -19.86 -27.31
C ALA A 230 11.14 -19.89 -26.07
N THR A 231 10.81 -19.14 -25.02
CA THR A 231 11.47 -19.25 -23.72
C THR A 231 10.53 -19.94 -22.74
N TYR A 232 11.05 -20.89 -21.96
CA TYR A 232 10.28 -21.71 -21.03
C TYR A 232 10.70 -21.41 -19.58
N TYR A 233 9.72 -21.34 -18.66
CA TYR A 233 9.93 -20.99 -17.24
C TYR A 233 9.20 -21.96 -16.31
N CYS A 234 9.86 -22.40 -15.23
CA CYS A 234 9.16 -23.11 -14.16
C CYS A 234 8.73 -22.10 -13.09
N GLN A 235 7.74 -22.49 -12.28
CA GLN A 235 7.20 -21.61 -11.24
C GLN A 235 6.60 -22.48 -10.14
N GLN A 236 6.83 -22.12 -8.87
CA GLN A 236 6.19 -22.82 -7.77
C GLN A 236 5.07 -21.98 -7.17
N SER A 237 3.98 -22.65 -6.76
CA SER A 237 2.81 -22.00 -6.15
C SER A 237 2.45 -22.62 -4.80
N LYS A 238 3.44 -23.19 -4.11
CA LYS A 238 3.20 -23.77 -2.78
C LYS A 238 3.15 -22.71 -1.69
N GLU A 239 4.05 -21.72 -1.74
CA GLU A 239 4.18 -20.72 -0.67
C GLU A 239 4.33 -19.31 -1.24
N VAL A 240 3.89 -18.32 -0.47
CA VAL A 240 4.12 -16.92 -0.81
C VAL A 240 5.53 -16.55 -0.35
N PRO A 241 6.36 -15.88 -1.17
CA PRO A 241 6.11 -15.40 -2.55
C PRO A 241 6.14 -16.48 -3.64
N TRP A 242 5.25 -16.35 -4.64
CA TRP A 242 5.40 -17.13 -5.86
C TRP A 242 6.77 -16.80 -6.48
N THR A 243 7.48 -17.82 -6.97
CA THR A 243 8.82 -17.62 -7.53
C THR A 243 8.98 -18.38 -8.85
N PHE A 244 9.92 -17.91 -9.68
CA PHE A 244 10.15 -18.43 -11.04
C PHE A 244 11.62 -18.81 -11.23
N GLY A 245 11.86 -19.81 -12.08
CA GLY A 245 13.20 -20.09 -12.56
C GLY A 245 13.64 -19.07 -13.60
N ALA A 246 14.94 -19.09 -13.93
CA ALA A 246 15.57 -18.05 -14.75
C ALA A 246 15.17 -18.07 -16.24
N GLY A 247 14.67 -19.18 -16.77
CA GLY A 247 14.26 -19.24 -18.16
C GLY A 247 15.24 -19.99 -19.05
N THR A 248 14.72 -20.73 -20.03
CA THR A 248 15.51 -21.49 -21.01
C THR A 248 15.04 -21.12 -22.41
N LYS A 249 15.95 -20.65 -23.26
CA LYS A 249 15.61 -20.26 -24.63
C LYS A 249 15.85 -21.43 -25.60
N LEU A 250 14.78 -21.85 -26.30
CA LEU A 250 14.84 -22.97 -27.25
C LEU A 250 14.84 -22.48 -28.69
N GLU A 251 15.80 -22.96 -29.50
CA GLU A 251 15.85 -22.69 -30.94
C GLU A 251 15.77 -23.99 -31.73
N ILE A 252 15.25 -23.92 -32.96
CA ILE A 252 15.00 -25.10 -33.78
C ILE A 252 16.02 -25.13 -34.91
N LYS A 253 16.69 -26.26 -35.09
CA LYS A 253 17.70 -26.39 -36.14
C LYS A 253 17.10 -27.06 -37.38
N ARG A 254 17.45 -26.51 -38.55
CA ARG A 254 16.98 -27.10 -39.79
C ARG A 254 17.74 -28.40 -40.05
N ALA A 255 17.02 -29.44 -40.47
CA ALA A 255 17.61 -30.71 -40.87
C ALA A 255 17.84 -30.75 -42.38
N ALA A 256 18.88 -31.48 -42.79
CA ALA A 256 19.19 -31.66 -44.20
C ALA A 256 18.08 -32.44 -44.88
N ALA A 257 17.75 -32.06 -46.11
CA ALA A 257 16.68 -32.74 -46.81
C ALA A 257 17.13 -34.14 -47.20
N LYS A 258 16.17 -35.06 -47.28
CA LYS A 258 16.42 -36.43 -47.63
C LYS A 258 16.10 -36.65 -49.10
N GLY A 259 16.91 -37.48 -49.77
CA GLY A 259 16.63 -37.86 -51.13
C GLY A 259 15.65 -39.00 -51.21
N GLU A 260 15.58 -39.61 -52.39
CA GLU A 260 14.66 -40.72 -52.65
C GLU A 260 14.78 -41.89 -51.66
N GLU B 3 -23.50 19.89 6.38
CA GLU B 3 -22.51 19.79 7.44
C GLU B 3 -21.62 18.55 7.27
N VAL B 4 -20.33 18.70 7.56
CA VAL B 4 -19.35 17.65 7.29
C VAL B 4 -19.42 16.59 8.39
N LYS B 5 -19.40 15.32 7.99
CA LYS B 5 -19.48 14.21 8.93
C LYS B 5 -18.69 13.02 8.41
N LEU B 6 -17.98 12.36 9.32
CA LEU B 6 -17.17 11.18 9.02
C LEU B 6 -17.48 10.14 10.09
N VAL B 7 -17.84 8.93 9.67
CA VAL B 7 -18.25 7.86 10.58
C VAL B 7 -17.39 6.63 10.32
N GLU B 8 -16.45 6.36 11.24
CA GLU B 8 -15.56 5.20 11.14
C GLU B 8 -16.21 3.96 11.76
N SER B 9 -15.89 2.79 11.21
CA SER B 9 -16.42 1.54 11.72
C SER B 9 -15.43 0.41 11.44
N GLY B 10 -15.66 -0.74 12.10
CA GLY B 10 -14.92 -1.95 11.86
C GLY B 10 -13.97 -2.41 12.95
N GLY B 11 -13.82 -1.65 14.04
CA GLY B 11 -12.90 -2.04 15.10
C GLY B 11 -13.41 -3.19 15.96
N GLY B 12 -12.49 -3.74 16.75
CA GLY B 12 -12.82 -4.83 17.66
C GLY B 12 -11.57 -5.38 18.32
N LEU B 13 -11.72 -6.56 18.93
CA LEU B 13 -10.62 -7.25 19.60
C LEU B 13 -10.06 -8.37 18.73
N VAL B 14 -8.72 -8.44 18.61
CA VAL B 14 -8.04 -9.41 17.76
C VAL B 14 -6.75 -9.87 18.43
N LYS B 15 -6.22 -11.10 17.96
CA LYS B 15 -4.95 -11.67 18.43
C LYS B 15 -3.81 -11.37 17.46
N PRO B 16 -2.56 -11.31 17.95
CA PRO B 16 -1.43 -10.97 17.06
C PRO B 16 -1.35 -11.90 15.85
N GLY B 17 -0.97 -11.31 14.72
CA GLY B 17 -0.89 -12.02 13.46
C GLY B 17 -2.14 -11.99 12.62
N GLY B 18 -3.28 -11.56 13.17
CA GLY B 18 -4.52 -11.53 12.43
C GLY B 18 -4.64 -10.31 11.53
N SER B 19 -5.81 -10.18 10.90
CA SER B 19 -6.07 -9.15 9.91
C SER B 19 -7.44 -8.51 10.15
N LEU B 20 -7.64 -7.32 9.58
CA LEU B 20 -8.84 -6.52 9.81
C LEU B 20 -8.97 -5.46 8.72
N LYS B 21 -10.20 -5.00 8.49
CA LYS B 21 -10.45 -3.87 7.59
C LYS B 21 -11.35 -2.83 8.24
N LEU B 22 -10.88 -1.58 8.30
CA LEU B 22 -11.68 -0.45 8.77
C LEU B 22 -12.26 0.35 7.60
N SER B 23 -13.40 0.98 7.84
CA SER B 23 -14.09 1.79 6.84
C SER B 23 -14.48 3.14 7.43
N CYS B 24 -14.68 4.13 6.56
CA CYS B 24 -15.23 5.43 6.99
C CYS B 24 -16.19 5.97 5.94
N ALA B 25 -17.42 6.28 6.38
CA ALA B 25 -18.46 6.84 5.51
C ALA B 25 -18.46 8.36 5.62
N ALA B 26 -18.30 9.04 4.49
CA ALA B 26 -18.22 10.50 4.43
C ALA B 26 -19.52 11.09 3.88
N SER B 27 -19.87 12.28 4.36
CA SER B 27 -21.03 13.02 3.86
C SER B 27 -20.90 14.49 4.21
N GLY B 28 -21.65 15.32 3.48
CA GLY B 28 -21.66 16.76 3.68
C GLY B 28 -20.66 17.56 2.88
N PHE B 29 -19.86 16.92 2.05
CA PHE B 29 -18.90 17.61 1.20
C PHE B 29 -18.62 16.74 -0.01
N THR B 30 -17.96 17.31 -1.01
CA THR B 30 -17.65 16.59 -2.24
C THR B 30 -16.39 15.76 -2.05
N PHE B 31 -16.58 14.54 -1.53
CA PHE B 31 -15.50 13.66 -1.11
C PHE B 31 -14.45 13.45 -2.20
N SER B 32 -14.86 13.37 -3.47
CA SER B 32 -13.94 13.03 -4.54
C SER B 32 -12.90 14.11 -4.84
N ARG B 33 -13.03 15.30 -4.27
CA ARG B 33 -12.08 16.38 -4.53
C ARG B 33 -10.99 16.52 -3.46
N PHE B 34 -11.05 15.75 -2.37
CA PHE B 34 -10.17 15.97 -1.21
C PHE B 34 -9.25 14.78 -0.96
N GLY B 35 -8.01 15.08 -0.58
CA GLY B 35 -7.19 14.08 0.07
C GLY B 35 -7.69 13.75 1.47
N MET B 36 -7.32 12.57 1.95
CA MET B 36 -7.75 11.99 3.24
C MET B 36 -6.65 11.26 4.00
N HIS B 37 -6.75 11.27 5.35
CA HIS B 37 -5.77 10.65 6.26
C HIS B 37 -6.44 9.66 7.22
N TRP B 38 -5.65 8.69 7.69
CA TRP B 38 -5.91 7.96 8.93
C TRP B 38 -4.87 8.38 9.98
N VAL B 39 -5.34 8.66 11.21
CA VAL B 39 -4.51 9.01 12.37
C VAL B 39 -5.00 8.14 13.54
N ARG B 40 -4.06 7.56 14.31
CA ARG B 40 -4.42 6.75 15.47
C ARG B 40 -3.95 7.41 16.77
N GLN B 41 -4.58 7.00 17.88
CA GLN B 41 -4.24 7.53 19.23
C GLN B 41 -4.18 6.38 20.22
N THR B 42 -3.06 6.24 20.91
CA THR B 42 -2.87 5.08 21.79
C THR B 42 -3.73 5.22 23.05
N PRO B 43 -3.92 4.13 23.80
CA PRO B 43 -4.70 4.23 25.05
C PRO B 43 -4.13 5.23 26.06
N GLU B 44 -2.84 5.56 25.95
CA GLU B 44 -2.23 6.58 26.80
C GLU B 44 -2.29 7.98 26.17
N LYS B 45 -2.97 8.12 25.03
CA LYS B 45 -3.31 9.39 24.37
C LYS B 45 -2.22 10.01 23.49
N ARG B 46 -1.23 9.24 23.04
CA ARG B 46 -0.27 9.72 22.04
C ARG B 46 -0.88 9.66 20.63
N LEU B 47 -0.78 10.75 19.87
CA LEU B 47 -1.29 10.83 18.50
C LEU B 47 -0.21 10.43 17.48
N GLU B 48 -0.57 9.57 16.51
CA GLU B 48 0.36 9.06 15.51
C GLU B 48 -0.30 9.02 14.12
N TRP B 49 0.24 9.77 13.16
CA TRP B 49 -0.24 9.71 11.78
C TRP B 49 0.07 8.34 11.16
N VAL B 50 -0.88 7.80 10.36
CA VAL B 50 -0.78 6.43 9.82
C VAL B 50 -0.61 6.40 8.30
N ALA B 51 -1.48 7.07 7.56
CA ALA B 51 -1.45 7.00 6.09
C ALA B 51 -2.23 8.16 5.47
N TYR B 52 -1.86 8.50 4.22
CA TYR B 52 -2.50 9.54 3.39
C TYR B 52 -2.81 9.01 1.98
N ILE B 53 -3.94 9.43 1.40
CA ILE B 53 -4.30 9.11 0.00
C ILE B 53 -4.88 10.33 -0.72
N SER B 54 -4.36 10.62 -1.90
CA SER B 54 -4.83 11.75 -2.70
C SER B 54 -6.21 11.48 -3.31
N SER B 55 -6.84 12.55 -3.82
CA SER B 55 -8.22 12.43 -4.30
C SER B 55 -8.37 11.41 -5.42
N GLY B 56 -7.39 11.30 -6.32
CA GLY B 56 -7.38 10.33 -7.41
C GLY B 56 -6.59 9.05 -7.19
N SER B 57 -6.15 8.78 -5.97
CA SER B 57 -5.42 7.57 -5.59
C SER B 57 -4.06 7.43 -6.28
N SER B 58 -3.47 8.52 -6.76
N SER B 58 -3.48 8.54 -6.73
CA SER B 58 -2.17 8.45 -7.42
CA SER B 58 -2.20 8.53 -7.44
C SER B 58 -0.99 8.82 -6.52
C SER B 58 -1.00 8.88 -6.55
N THR B 59 -1.23 9.50 -5.40
CA THR B 59 -0.18 9.81 -4.42
C THR B 59 -0.60 9.23 -3.07
N ILE B 60 0.24 8.36 -2.50
CA ILE B 60 -0.02 7.65 -1.24
C ILE B 60 1.25 7.66 -0.37
N TYR B 61 1.09 7.90 0.97
CA TYR B 61 2.17 7.82 1.95
C TYR B 61 1.77 6.99 3.17
N TYR B 62 2.76 6.34 3.80
CA TYR B 62 2.59 5.51 4.99
C TYR B 62 3.64 5.85 6.06
N ALA B 63 3.27 5.71 7.34
CA ALA B 63 4.25 5.75 8.41
C ALA B 63 5.16 4.52 8.39
N ASP B 64 6.42 4.72 8.78
CA ASP B 64 7.41 3.65 8.70
C ASP B 64 7.00 2.41 9.50
N THR B 65 6.38 2.60 10.68
CA THR B 65 6.00 1.47 11.53
C THR B 65 4.88 0.61 10.95
N VAL B 66 4.18 1.04 9.90
CA VAL B 66 3.10 0.27 9.30
C VAL B 66 3.40 -0.16 7.88
N LYS B 67 4.53 0.27 7.32
CA LYS B 67 4.86 -0.03 5.93
C LYS B 67 4.92 -1.53 5.69
N GLY B 68 4.27 -1.96 4.61
CA GLY B 68 4.24 -3.35 4.22
C GLY B 68 3.09 -4.16 4.80
N ARG B 69 2.47 -3.69 5.87
CA ARG B 69 1.37 -4.40 6.52
C ARG B 69 0.00 -3.77 6.29
N PHE B 70 -0.09 -2.45 6.06
CA PHE B 70 -1.34 -1.74 5.89
C PHE B 70 -1.49 -1.28 4.43
N THR B 71 -2.74 -1.24 3.93
CA THR B 71 -3.06 -0.79 2.56
C THR B 71 -4.25 0.20 2.62
N ILE B 72 -4.04 1.47 2.20
CA ILE B 72 -5.09 2.50 2.18
C ILE B 72 -5.73 2.55 0.79
N SER B 73 -7.05 2.74 0.72
CA SER B 73 -7.77 2.81 -0.56
C SER B 73 -9.06 3.60 -0.36
N ARG B 74 -9.74 3.92 -1.47
CA ARG B 74 -10.97 4.71 -1.43
C ARG B 74 -11.88 4.35 -2.59
N ASP B 75 -13.18 4.57 -2.41
CA ASP B 75 -14.20 4.34 -3.44
C ASP B 75 -15.00 5.63 -3.55
N ASN B 76 -14.68 6.45 -4.56
CA ASN B 76 -15.31 7.77 -4.64
C ASN B 76 -16.80 7.68 -4.92
N ALA B 77 -17.26 6.64 -5.62
CA ALA B 77 -18.68 6.52 -5.91
C ALA B 77 -19.51 6.23 -4.66
N LYS B 78 -18.94 5.49 -3.70
CA LYS B 78 -19.62 5.15 -2.46
C LYS B 78 -19.27 6.08 -1.31
N ASN B 79 -18.48 7.13 -1.55
CA ASN B 79 -18.07 8.07 -0.50
C ASN B 79 -17.42 7.39 0.69
N THR B 80 -16.50 6.45 0.42
CA THR B 80 -15.95 5.62 1.49
C THR B 80 -14.43 5.55 1.41
N LEU B 81 -13.78 5.58 2.58
CA LEU B 81 -12.35 5.36 2.77
C LEU B 81 -12.09 4.05 3.52
N TYR B 82 -10.99 3.37 3.17
CA TYR B 82 -10.68 2.04 3.73
C TYR B 82 -9.27 1.98 4.29
N LEU B 83 -9.06 1.13 5.28
CA LEU B 83 -7.71 0.76 5.73
C LEU B 83 -7.69 -0.75 6.00
N GLN B 84 -6.96 -1.51 5.19
CA GLN B 84 -6.78 -2.94 5.40
C GLN B 84 -5.48 -3.17 6.16
N MET B 85 -5.54 -3.99 7.20
CA MET B 85 -4.40 -4.20 8.09
C MET B 85 -4.14 -5.70 8.22
N SER B 86 -2.88 -6.12 8.08
CA SER B 86 -2.47 -7.51 8.24
C SER B 86 -1.29 -7.59 9.21
N SER B 87 -0.98 -8.81 9.67
CA SER B 87 0.12 -9.05 10.61
C SER B 87 0.07 -8.14 11.83
N LEU B 88 -1.10 -8.06 12.45
CA LEU B 88 -1.34 -7.12 13.54
C LEU B 88 -0.49 -7.47 14.77
N ARG B 89 -0.09 -6.45 15.51
CA ARG B 89 0.73 -6.63 16.71
C ARG B 89 0.08 -5.86 17.85
N SER B 90 0.61 -6.08 19.06
CA SER B 90 0.04 -5.40 20.23
C SER B 90 0.19 -3.89 20.12
N GLU B 91 1.30 -3.42 19.55
CA GLU B 91 1.58 -2.00 19.37
C GLU B 91 0.54 -1.30 18.51
N ASP B 92 -0.29 -2.04 17.79
CA ASP B 92 -1.32 -1.45 16.93
C ASP B 92 -2.60 -1.09 17.68
N THR B 93 -2.73 -1.48 18.96
CA THR B 93 -3.88 -1.10 19.79
C THR B 93 -4.00 0.43 19.94
N ALA B 94 -5.16 0.95 19.55
CA ALA B 94 -5.39 2.40 19.47
C ALA B 94 -6.83 2.67 19.04
N ILE B 95 -7.27 3.94 19.18
CA ILE B 95 -8.46 4.43 18.50
C ILE B 95 -8.04 5.02 17.15
N TYR B 96 -8.76 4.65 16.08
CA TYR B 96 -8.40 5.07 14.71
C TYR B 96 -9.38 6.13 14.20
N TYR B 97 -8.85 7.29 13.80
CA TYR B 97 -9.63 8.43 13.30
C TYR B 97 -9.39 8.63 11.80
N CYS B 98 -10.43 9.03 11.07
CA CYS B 98 -10.24 9.54 9.72
C CYS B 98 -10.32 11.07 9.77
N ALA B 99 -9.44 11.74 9.01
CA ALA B 99 -9.41 13.21 8.96
C ALA B 99 -9.30 13.71 7.52
N ARG B 100 -9.99 14.81 7.20
CA ARG B 100 -9.97 15.40 5.85
C ARG B 100 -8.79 16.37 5.70
N SER B 101 -8.17 16.38 4.51
CA SER B 101 -7.16 17.39 4.17
C SER B 101 -7.84 18.55 3.45
N GLY B 102 -8.03 19.67 4.16
CA GLY B 102 -8.75 20.83 3.61
C GLY B 102 -7.84 22.03 3.40
N GLY B 103 -7.98 22.67 2.24
CA GLY B 103 -7.16 23.83 1.90
C GLY B 103 -7.77 25.16 2.27
N ILE B 104 -6.97 26.01 2.91
CA ILE B 104 -7.37 27.38 3.25
C ILE B 104 -6.75 28.33 2.22
N GLU B 105 -7.57 28.97 1.39
CA GLU B 105 -7.06 29.80 0.31
C GLU B 105 -6.87 31.27 0.68
N ARG B 106 -5.76 31.84 0.20
CA ARG B 106 -5.44 33.26 0.30
C ARG B 106 -4.90 33.66 -1.07
N TYR B 107 -4.76 34.98 -1.30
CA TYR B 107 -4.41 35.44 -2.65
C TYR B 107 -3.03 34.97 -3.11
N ASP B 108 -2.15 34.60 -2.19
CA ASP B 108 -0.77 34.21 -2.50
C ASP B 108 -0.41 32.78 -2.08
N GLY B 109 -1.40 31.90 -1.93
CA GLY B 109 -1.14 30.50 -1.62
C GLY B 109 -2.29 29.84 -0.89
N THR B 110 -2.26 28.50 -0.91
CA THR B 110 -3.23 27.65 -0.23
C THR B 110 -2.51 26.78 0.81
N TYR B 111 -3.03 26.74 2.04
CA TYR B 111 -2.43 25.98 3.15
C TYR B 111 -3.34 24.80 3.53
N TYR B 112 -2.81 23.58 3.45
CA TYR B 112 -3.58 22.36 3.67
C TYR B 112 -3.40 21.85 5.10
N VAL B 113 -4.52 21.52 5.76
CA VAL B 113 -4.52 21.15 7.18
C VAL B 113 -5.61 20.12 7.44
N MET B 114 -5.40 19.29 8.47
CA MET B 114 -6.38 18.30 8.94
C MET B 114 -7.52 19.01 9.70
N ASP B 115 -8.65 19.27 9.03
CA ASP B 115 -9.71 20.15 9.57
C ASP B 115 -10.87 19.41 10.25
N TYR B 116 -11.54 18.50 9.55
CA TYR B 116 -12.66 17.74 10.09
C TYR B 116 -12.23 16.31 10.39
N TRP B 117 -12.68 15.80 11.56
CA TRP B 117 -12.34 14.47 12.07
C TRP B 117 -13.61 13.73 12.47
N GLY B 118 -13.56 12.38 12.35
CA GLY B 118 -14.64 11.55 12.85
C GLY B 118 -14.54 11.26 14.35
N GLN B 119 -15.51 10.47 14.85
CA GLN B 119 -15.53 10.07 16.25
C GLN B 119 -14.61 8.90 16.60
N GLY B 120 -14.13 8.15 15.61
CA GLY B 120 -13.16 7.11 15.86
C GLY B 120 -13.80 5.72 15.97
N THR B 121 -12.94 4.71 15.80
CA THR B 121 -13.30 3.31 15.98
C THR B 121 -12.12 2.60 16.63
N THR B 122 -12.39 1.79 17.67
CA THR B 122 -11.34 1.28 18.55
C THR B 122 -10.91 -0.14 18.18
N LEU B 123 -9.59 -0.36 18.16
CA LEU B 123 -8.98 -1.65 17.89
C LEU B 123 -8.17 -2.09 19.10
N THR B 124 -8.38 -3.34 19.53
CA THR B 124 -7.63 -3.94 20.63
C THR B 124 -6.96 -5.22 20.13
N VAL B 125 -5.64 -5.29 20.28
CA VAL B 125 -4.88 -6.49 19.90
C VAL B 125 -4.44 -7.26 21.14
N GLY B 141 13.98 7.55 10.81
CA GLY B 141 15.17 7.97 11.53
C GLY B 141 15.51 9.45 11.34
N SER B 142 14.97 10.03 10.26
CA SER B 142 15.15 11.45 9.96
C SER B 142 13.85 12.22 10.08
N ASP B 143 12.88 11.69 10.82
CA ASP B 143 11.63 12.41 11.05
C ASP B 143 11.88 13.68 11.86
N ILE B 144 10.97 14.65 11.70
CA ILE B 144 11.03 15.88 12.50
C ILE B 144 10.36 15.60 13.84
N VAL B 145 11.13 15.69 14.92
CA VAL B 145 10.65 15.40 16.28
C VAL B 145 10.24 16.70 16.95
N LEU B 146 9.05 16.73 17.55
CA LEU B 146 8.53 17.89 18.28
C LEU B 146 8.60 17.66 19.79
N THR B 147 9.34 18.53 20.53
CA THR B 147 9.49 18.45 21.99
C THR B 147 8.65 19.54 22.65
N GLN B 148 7.53 19.13 23.27
CA GLN B 148 6.51 20.04 23.83
C GLN B 148 6.63 20.09 25.36
N SER B 149 6.35 21.26 25.93
N SER B 149 6.38 21.28 25.93
CA SER B 149 6.41 21.44 27.39
CA SER B 149 6.46 21.55 27.37
C SER B 149 5.40 22.50 27.80
C SER B 149 5.36 22.51 27.77
N PRO B 150 4.87 22.45 29.03
CA PRO B 150 5.13 21.46 30.09
C PRO B 150 4.25 20.21 29.90
N ALA B 151 4.43 19.19 30.73
CA ALA B 151 3.55 18.02 30.70
C ALA B 151 2.15 18.35 31.22
N SER B 152 2.05 19.21 32.22
CA SER B 152 0.76 19.65 32.72
C SER B 152 0.95 20.99 33.44
N LEU B 153 -0.14 21.74 33.59
CA LEU B 153 -0.09 22.99 34.35
C LEU B 153 -1.50 23.33 34.84
N THR B 154 -1.58 24.08 35.94
N THR B 154 -1.55 24.17 35.90
CA THR B 154 -2.87 24.60 36.38
CA THR B 154 -2.78 24.62 36.52
C THR B 154 -2.79 26.11 36.52
C THR B 154 -2.77 26.15 36.54
N VAL B 155 -3.81 26.77 35.99
CA VAL B 155 -3.87 28.22 35.84
C VAL B 155 -5.14 28.73 36.49
N SER B 156 -5.03 29.81 37.26
N SER B 156 -5.03 29.83 37.25
CA SER B 156 -6.19 30.44 37.88
CA SER B 156 -6.19 30.43 37.90
C SER B 156 -7.14 30.97 36.80
C SER B 156 -7.13 31.02 36.84
N LEU B 157 -8.44 30.87 37.07
CA LEU B 157 -9.44 31.42 36.16
C LEU B 157 -9.17 32.91 35.90
N GLY B 158 -9.13 33.28 34.62
CA GLY B 158 -8.87 34.63 34.19
C GLY B 158 -7.39 34.98 33.93
N GLN B 159 -6.46 34.04 34.17
CA GLN B 159 -5.02 34.28 34.03
C GLN B 159 -4.46 33.64 32.74
N ARG B 160 -3.13 33.63 32.59
CA ARG B 160 -2.47 33.29 31.33
C ARG B 160 -1.86 31.89 31.33
N ALA B 161 -2.16 31.10 30.29
CA ALA B 161 -1.49 29.83 30.06
C ALA B 161 -0.51 29.94 28.88
N THR B 162 0.70 29.38 29.06
CA THR B 162 1.74 29.40 28.03
C THR B 162 2.27 27.98 27.81
N ILE B 163 2.25 27.50 26.55
CA ILE B 163 2.72 26.16 26.15
C ILE B 163 3.69 26.31 24.99
N SER B 164 4.82 25.56 25.02
CA SER B 164 5.88 25.73 24.03
C SER B 164 6.25 24.42 23.32
N CYS B 165 6.93 24.56 22.17
N CYS B 165 6.89 24.59 22.14
CA CYS B 165 7.43 23.39 21.47
CA CYS B 165 7.39 23.49 21.32
C CYS B 165 8.67 23.74 20.65
C CYS B 165 8.76 23.84 20.74
N ARG B 166 9.68 22.87 20.72
CA ARG B 166 10.91 23.01 19.92
C ARG B 166 10.98 21.85 18.94
N ALA B 167 11.12 22.17 17.65
CA ALA B 167 11.29 21.17 16.59
C ALA B 167 12.77 20.83 16.38
N SER B 168 13.03 19.59 15.95
CA SER B 168 14.41 19.10 15.78
C SER B 168 15.15 19.71 14.57
N GLU B 169 14.41 20.28 13.61
CA GLU B 169 14.96 21.09 12.54
C GLU B 169 13.88 22.08 12.10
N SER B 170 14.25 23.05 11.27
CA SER B 170 13.32 24.12 10.92
C SER B 170 12.06 23.62 10.18
N VAL B 171 10.91 24.20 10.53
CA VAL B 171 9.66 23.92 9.83
C VAL B 171 9.24 25.06 8.89
N ASP B 172 10.16 25.94 8.53
CA ASP B 172 9.89 27.06 7.63
C ASP B 172 10.08 26.62 6.18
N TYR B 173 9.20 27.12 5.30
CA TYR B 173 9.33 26.86 3.86
C TYR B 173 8.95 28.16 3.14
N TYR B 174 9.97 28.87 2.66
CA TYR B 174 9.81 30.15 1.99
C TYR B 174 8.97 31.12 2.81
N GLY B 175 9.44 31.39 4.02
CA GLY B 175 8.89 32.46 4.83
C GLY B 175 7.64 32.12 5.61
N LYS B 176 7.04 30.95 5.40
CA LYS B 176 5.90 30.48 6.17
C LYS B 176 6.34 29.33 7.08
N SER B 177 5.79 29.27 8.29
CA SER B 177 6.11 28.22 9.26
C SER B 177 4.96 27.21 9.31
N PHE B 178 5.27 25.93 9.09
CA PHE B 178 4.24 24.89 9.01
C PHE B 178 3.99 24.23 10.36
N MET B 179 3.55 25.06 11.33
CA MET B 179 3.21 24.67 12.70
C MET B 179 1.72 24.87 12.97
N ASN B 180 1.07 23.84 13.52
CA ASN B 180 -0.36 23.88 13.85
C ASN B 180 -0.58 23.48 15.31
N TRP B 181 -1.69 23.97 15.92
CA TRP B 181 -2.03 23.63 17.31
C TRP B 181 -3.47 23.11 17.39
N TYR B 182 -3.68 22.03 18.20
CA TYR B 182 -4.96 21.33 18.37
C TYR B 182 -5.37 21.25 19.84
N GLN B 183 -6.71 21.22 20.08
CA GLN B 183 -7.31 21.06 21.41
C GLN B 183 -8.14 19.79 21.44
N GLN B 184 -8.06 18.99 22.51
CA GLN B 184 -8.85 17.76 22.60
C GLN B 184 -9.51 17.61 23.97
N LYS B 185 -10.83 17.48 23.99
CA LYS B 185 -11.60 17.22 25.21
C LYS B 185 -12.02 15.75 25.26
N PRO B 186 -12.13 15.18 26.46
CA PRO B 186 -12.34 13.72 26.57
C PRO B 186 -13.59 13.25 25.83
N GLY B 187 -13.44 12.19 25.04
CA GLY B 187 -14.52 11.63 24.24
C GLY B 187 -14.64 12.18 22.82
N GLN B 188 -13.89 13.22 22.48
N GLN B 188 -13.87 13.19 22.46
CA GLN B 188 -13.98 13.92 21.20
CA GLN B 188 -13.99 13.85 21.17
C GLN B 188 -12.67 13.77 20.43
C GLN B 188 -12.67 13.86 20.44
N PRO B 189 -12.68 14.00 19.11
CA PRO B 189 -11.41 14.07 18.36
C PRO B 189 -10.74 15.42 18.55
N PRO B 190 -9.48 15.55 18.12
CA PRO B 190 -8.83 16.87 18.13
C PRO B 190 -9.52 17.91 17.24
N LYS B 191 -9.43 19.18 17.66
CA LYS B 191 -10.00 20.35 17.00
C LYS B 191 -8.90 21.40 16.70
N LEU B 192 -8.81 21.85 15.44
CA LEU B 192 -7.80 22.84 15.06
C LEU B 192 -8.06 24.21 15.69
N LEU B 193 -7.03 24.79 16.33
CA LEU B 193 -7.09 26.12 16.94
C LEU B 193 -6.33 27.18 16.15
N ILE B 194 -5.05 26.92 15.80
CA ILE B 194 -4.15 27.88 15.17
C ILE B 194 -3.43 27.14 14.04
N TYR B 195 -3.28 27.79 12.86
CA TYR B 195 -2.51 27.18 11.76
C TYR B 195 -1.40 28.10 11.25
N ALA B 196 -0.37 27.49 10.65
CA ALA B 196 0.77 28.24 10.11
C ALA B 196 1.36 29.20 11.15
N ALA B 197 1.53 28.67 12.36
CA ALA B 197 2.16 29.32 13.51
C ALA B 197 1.30 30.37 14.23
N SER B 198 0.63 31.27 13.47
CA SER B 198 0.03 32.45 14.09
C SER B 198 -1.36 32.82 13.58
N ASN B 199 -2.00 31.98 12.75
CA ASN B 199 -3.29 32.34 12.15
C ASN B 199 -4.45 31.76 12.96
N GLN B 200 -5.42 32.62 13.31
CA GLN B 200 -6.61 32.22 14.06
C GLN B 200 -7.51 31.32 13.19
N GLY B 201 -7.82 30.11 13.68
CA GLY B 201 -8.75 29.23 12.97
C GLY B 201 -10.18 29.76 12.93
N SER B 202 -10.95 29.21 11.99
N SER B 202 -10.95 29.23 11.99
CA SER B 202 -12.33 29.64 11.83
CA SER B 202 -12.31 29.71 11.81
C SER B 202 -13.15 29.31 13.07
C SER B 202 -13.16 29.32 13.02
N GLY B 203 -13.88 30.31 13.57
CA GLY B 203 -14.70 30.12 14.75
C GLY B 203 -13.96 30.03 16.09
N ILE B 204 -12.65 30.19 16.10
CA ILE B 204 -11.86 30.08 17.34
C ILE B 204 -11.88 31.42 18.09
N PRO B 205 -12.16 31.42 19.39
CA PRO B 205 -12.16 32.69 20.15
C PRO B 205 -10.81 33.39 20.17
N ALA B 206 -10.84 34.72 20.28
CA ALA B 206 -9.63 35.55 20.21
C ALA B 206 -8.64 35.32 21.36
N ARG B 207 -9.06 34.70 22.48
CA ARG B 207 -8.16 34.45 23.59
C ARG B 207 -7.07 33.43 23.29
N PHE B 208 -7.21 32.65 22.20
CA PHE B 208 -6.17 31.73 21.73
C PHE B 208 -5.31 32.43 20.68
N SER B 209 -3.98 32.42 20.85
CA SER B 209 -3.07 33.02 19.87
C SER B 209 -1.74 32.24 19.81
N GLY B 210 -1.07 32.30 18.66
CA GLY B 210 0.22 31.65 18.49
C GLY B 210 1.29 32.55 17.92
N SER B 211 2.57 32.18 18.17
CA SER B 211 3.71 32.92 17.63
C SER B 211 4.92 32.00 17.48
N GLY B 212 5.95 32.49 16.77
CA GLY B 212 7.21 31.77 16.60
C GLY B 212 7.62 31.61 15.15
N SER B 213 8.82 31.05 14.95
CA SER B 213 9.35 30.74 13.62
C SER B 213 10.56 29.82 13.76
N GLY B 214 10.96 29.22 12.64
CA GLY B 214 12.12 28.34 12.62
C GLY B 214 11.89 27.04 13.37
N THR B 215 12.50 26.91 14.57
CA THR B 215 12.29 25.73 15.41
C THR B 215 11.50 25.98 16.70
N ASP B 216 11.17 27.23 17.06
CA ASP B 216 10.60 27.53 18.39
C ASP B 216 9.23 28.23 18.28
N PHE B 217 8.23 27.68 18.97
CA PHE B 217 6.83 28.13 18.86
C PHE B 217 6.13 28.14 20.23
N THR B 218 5.15 29.05 20.41
CA THR B 218 4.40 29.20 21.67
C THR B 218 2.90 29.33 21.39
N LEU B 219 2.09 28.62 22.18
CA LEU B 219 0.64 28.82 22.22
C LEU B 219 0.27 29.58 23.50
N ASN B 220 -0.52 30.66 23.36
CA ASN B 220 -0.94 31.48 24.49
CA ASN B 220 -0.93 31.52 24.47
C ASN B 220 -2.45 31.43 24.64
N ILE B 221 -2.93 31.29 25.88
CA ILE B 221 -4.36 31.39 26.16
C ILE B 221 -4.56 32.44 27.27
N HIS B 222 -5.29 33.53 26.96
CA HIS B 222 -5.48 34.55 27.99
C HIS B 222 -6.64 35.48 27.63
N PRO B 223 -7.60 35.73 28.56
CA PRO B 223 -7.76 35.10 29.88
C PRO B 223 -8.37 33.69 29.79
N VAL B 224 -7.87 32.68 30.54
CA VAL B 224 -8.46 31.34 30.46
C VAL B 224 -9.87 31.33 31.03
N GLU B 225 -10.73 30.49 30.45
CA GLU B 225 -12.09 30.25 30.90
C GLU B 225 -12.24 28.80 31.38
N GLU B 226 -13.34 28.57 32.13
CA GLU B 226 -13.60 27.27 32.74
C GLU B 226 -13.62 26.14 31.70
N GLU B 227 -14.19 26.40 30.51
CA GLU B 227 -14.29 25.35 29.49
C GLU B 227 -12.96 25.05 28.81
N ASP B 228 -11.87 25.73 29.17
CA ASP B 228 -10.60 25.49 28.50
C ASP B 228 -9.81 24.31 29.06
N ALA B 229 -10.27 23.67 30.14
CA ALA B 229 -9.67 22.42 30.60
C ALA B 229 -9.72 21.37 29.49
N ALA B 230 -8.55 20.85 29.10
CA ALA B 230 -8.39 20.02 27.89
C ALA B 230 -6.92 19.62 27.78
N THR B 231 -6.59 18.79 26.77
CA THR B 231 -5.21 18.50 26.38
C THR B 231 -4.91 19.20 25.05
N TYR B 232 -3.70 19.81 24.94
CA TYR B 232 -3.28 20.57 23.77
C TYR B 232 -2.06 19.91 23.09
N TYR B 233 -2.04 19.88 21.74
CA TYR B 233 -0.99 19.23 20.95
C TYR B 233 -0.48 20.14 19.83
N CYS B 234 0.83 20.17 19.62
CA CYS B 234 1.40 20.80 18.42
C CYS B 234 1.57 19.75 17.31
N GLN B 235 1.67 20.21 16.06
CA GLN B 235 1.83 19.32 14.90
C GLN B 235 2.54 20.08 13.78
N GLN B 236 3.49 19.42 13.10
CA GLN B 236 4.14 20.01 11.92
C GLN B 236 3.67 19.34 10.63
N SER B 237 3.54 20.14 9.56
CA SER B 237 3.13 19.69 8.23
C SER B 237 4.11 20.12 7.15
N LYS B 238 5.38 20.31 7.51
CA LYS B 238 6.37 20.71 6.51
C LYS B 238 6.84 19.51 5.69
N GLU B 239 7.07 18.38 6.35
CA GLU B 239 7.61 17.19 5.69
C GLU B 239 6.83 15.94 6.12
N VAL B 240 6.79 14.96 5.24
CA VAL B 240 6.22 13.64 5.55
C VAL B 240 7.29 12.83 6.28
N PRO B 241 6.96 12.14 7.41
CA PRO B 241 5.64 12.04 8.05
C PRO B 241 5.20 13.26 8.85
N TRP B 242 3.89 13.54 8.81
CA TRP B 242 3.30 14.47 9.77
C TRP B 242 3.61 13.95 11.18
N THR B 243 3.99 14.86 12.10
CA THR B 243 4.36 14.46 13.47
C THR B 243 3.70 15.39 14.51
N PHE B 244 3.55 14.87 15.74
CA PHE B 244 2.84 15.54 16.86
C PHE B 244 3.72 15.60 18.10
N GLY B 245 3.52 16.66 18.92
CA GLY B 245 4.12 16.70 20.25
C GLY B 245 3.35 15.80 21.24
N ALA B 246 3.96 15.60 22.42
CA ALA B 246 3.43 14.64 23.40
C ALA B 246 2.12 15.07 24.09
N GLY B 247 1.78 16.35 24.08
CA GLY B 247 0.53 16.81 24.70
C GLY B 247 0.77 17.48 26.06
N THR B 248 -0.05 18.49 26.35
CA THR B 248 -0.01 19.23 27.62
C THR B 248 -1.42 19.25 28.21
N LYS B 249 -1.57 18.82 29.47
CA LYS B 249 -2.88 18.82 30.14
CA LYS B 249 -2.88 18.82 30.14
C LYS B 249 -3.04 20.09 30.96
N LEU B 250 -4.11 20.87 30.67
CA LEU B 250 -4.44 22.11 31.39
C LEU B 250 -5.64 21.94 32.33
N GLU B 251 -5.48 22.36 33.59
CA GLU B 251 -6.53 22.41 34.60
C GLU B 251 -6.70 23.84 35.07
N ILE B 252 -7.93 24.17 35.52
CA ILE B 252 -8.30 25.52 35.91
C ILE B 252 -8.48 25.57 37.43
N LYS B 253 -7.82 26.53 38.07
CA LYS B 253 -7.84 26.71 39.52
C LYS B 253 -8.86 27.79 39.90
N ARG B 254 -9.57 27.55 41.01
CA ARG B 254 -10.57 28.50 41.48
C ARG B 254 -9.92 29.81 41.90
N ALA B 255 -10.56 30.92 41.53
CA ALA B 255 -10.12 32.24 41.96
C ALA B 255 -10.80 32.60 43.28
N ALA B 256 -10.11 33.38 44.10
CA ALA B 256 -10.65 33.76 45.40
C ALA B 256 -11.92 34.59 45.26
N ALA B 257 -12.91 34.28 46.09
CA ALA B 257 -14.19 34.98 46.09
C ALA B 257 -14.06 36.35 46.74
N LYS B 258 -14.93 37.27 46.33
CA LYS B 258 -14.91 38.60 46.91
C LYS B 258 -16.03 38.75 47.94
N GLY B 259 -15.71 39.46 49.02
CA GLY B 259 -16.69 39.82 50.03
C GLY B 259 -17.39 41.13 49.71
N GLU B 260 -17.93 41.74 50.76
CA GLU B 260 -18.55 43.08 50.76
C GLU B 260 -19.50 43.38 49.62
#